data_7P97
#
_entry.id   7P97
#
_cell.length_a   57.090
_cell.length_b   57.090
_cell.length_c   228.970
_cell.angle_alpha   90.000
_cell.angle_beta   90.000
_cell.angle_gamma   120.000
#
_symmetry.space_group_name_H-M   'P 32 2 1'
#
loop_
_entity.id
_entity.type
_entity.pdbx_description
1 polymer '3-phospho-D-glycerate guanylyltransferase'
2 non-polymer "3-(guanosine-5'-diphospho)-D-glycerate"
3 non-polymer 'MAGNESIUM ION'
4 non-polymer 'CHLORIDE ION'
5 water water
#
_entity_poly.entity_id   1
_entity_poly.type   'polypeptide(L)'
_entity_poly.pdbx_seq_one_letter_code
;MGSSHHHHHHSQDPNSSSARLQVDKLAMSPVSVAQRNTGIWAVVPLKAPECAKTRLAGVLSHAARQALFFSMASHVIGTL
RASPRIASLLVVTPSESTAEMARAAGAEILWGPPDEGMANACSRAMAHIAAAGGERVMFVPGDLPLLDEAAIDMLSRAPV
DAIGMAPNRDGHGTNGLICRPGAIPLFFSGPSFSAHQNAARRAGIDVWVVRSREWALDVDLPADLEEFESSVRDAKRRVL
CQN
;
_entity_poly.pdbx_strand_id   AAA,BBB
#
# COMPACT_ATOMS: atom_id res chain seq x y z
N GLY A 39 -2.12 22.10 3.12
CA GLY A 39 -2.24 22.96 1.88
C GLY A 39 -2.12 22.11 0.63
N ILE A 40 -2.90 21.06 0.51
CA ILE A 40 -2.90 20.11 -0.65
C ILE A 40 -3.87 20.61 -1.73
N TRP A 41 -3.38 20.80 -2.94
CA TRP A 41 -4.19 20.97 -4.18
C TRP A 41 -4.48 19.59 -4.78
N ALA A 42 -5.74 19.25 -5.01
CA ALA A 42 -6.10 18.06 -5.79
C ALA A 42 -6.23 18.44 -7.27
N VAL A 43 -5.76 17.55 -8.16
CA VAL A 43 -5.76 17.73 -9.64
C VAL A 43 -6.38 16.48 -10.25
N VAL A 44 -7.53 16.66 -10.90
CA VAL A 44 -8.25 15.59 -11.65
C VAL A 44 -8.18 15.96 -13.13
N PRO A 45 -7.33 15.28 -13.91
CA PRO A 45 -7.36 15.41 -15.36
C PRO A 45 -8.58 14.69 -15.95
N LEU A 46 -9.29 15.34 -16.86
CA LEU A 46 -10.47 14.74 -17.52
C LEU A 46 -10.50 15.08 -19.02
N LYS A 47 -10.70 14.05 -19.84
CA LYS A 47 -10.95 14.15 -21.31
C LYS A 47 -12.28 14.84 -21.61
N ALA A 48 -12.50 15.06 -22.89
CA ALA A 48 -13.83 15.26 -23.54
C ALA A 48 -14.65 13.98 -23.38
N PRO A 49 -15.97 14.08 -23.08
CA PRO A 49 -16.80 12.91 -22.85
C PRO A 49 -17.02 12.09 -24.12
N GLU A 50 -17.01 12.74 -25.27
CA GLU A 50 -17.22 12.08 -26.59
C GLU A 50 -16.00 11.22 -26.95
N CYS A 51 -14.88 11.31 -26.23
CA CYS A 51 -13.71 10.45 -26.60
CA CYS A 51 -13.57 10.67 -26.52
C CYS A 51 -13.15 9.77 -25.34
N ALA A 52 -13.97 9.69 -24.26
CA ALA A 52 -13.59 9.06 -22.97
C ALA A 52 -13.73 7.54 -23.02
N LYS A 53 -12.91 6.86 -22.21
CA LYS A 53 -12.97 5.39 -21.93
C LYS A 53 -13.05 4.64 -23.27
N THR A 54 -12.18 4.99 -24.22
CA THR A 54 -12.20 4.35 -25.55
C THR A 54 -11.99 2.84 -25.41
N ARG A 55 -11.32 2.35 -24.38
CA ARG A 55 -11.11 0.88 -24.26
C ARG A 55 -12.38 0.13 -23.83
N LEU A 56 -13.48 0.85 -23.56
CA LEU A 56 -14.80 0.22 -23.29
C LEU A 56 -15.74 0.26 -24.52
N ALA A 57 -15.28 0.72 -25.68
CA ALA A 57 -16.14 0.89 -26.88
C ALA A 57 -16.60 -0.46 -27.42
N GLY A 58 -15.98 -1.56 -27.04
CA GLY A 58 -16.46 -2.90 -27.38
C GLY A 58 -17.70 -3.26 -26.60
N VAL A 59 -17.79 -2.86 -25.33
CA VAL A 59 -18.82 -3.41 -24.40
C VAL A 59 -19.89 -2.37 -24.04
N LEU A 60 -19.61 -1.06 -24.16
CA LEU A 60 -20.57 0.05 -23.95
C LEU A 60 -20.76 0.86 -25.26
N SER A 61 -22.00 1.34 -25.50
CA SER A 61 -22.38 2.35 -26.53
C SER A 61 -21.66 3.67 -26.26
N HIS A 62 -21.69 4.62 -27.20
CA HIS A 62 -21.16 6.00 -27.00
C HIS A 62 -21.82 6.65 -25.78
N ALA A 63 -23.13 6.49 -25.62
CA ALA A 63 -23.92 7.13 -24.54
C ALA A 63 -23.63 6.45 -23.19
N ALA A 64 -23.58 5.12 -23.16
CA ALA A 64 -23.19 4.37 -21.96
C ALA A 64 -21.77 4.79 -21.50
N ARG A 65 -20.86 5.11 -22.41
CA ARG A 65 -19.50 5.52 -21.96
C ARG A 65 -19.49 6.93 -21.39
N GLN A 66 -20.22 7.86 -22.01
CA GLN A 66 -20.41 9.22 -21.46
C GLN A 66 -21.00 9.10 -20.03
N ALA A 67 -22.02 8.25 -19.83
CA ALA A 67 -22.78 8.10 -18.56
C ALA A 67 -21.80 7.61 -17.47
N LEU A 68 -21.02 6.60 -17.76
CA LEU A 68 -20.07 6.05 -16.78
C LEU A 68 -18.96 7.09 -16.52
N PHE A 69 -18.53 7.78 -17.55
CA PHE A 69 -17.44 8.76 -17.44
C PHE A 69 -17.86 9.85 -16.44
N PHE A 70 -19.06 10.39 -16.62
CA PHE A 70 -19.58 11.53 -15.82
C PHE A 70 -19.86 11.05 -14.41
N SER A 71 -20.44 9.87 -14.27
CA SER A 71 -20.79 9.27 -12.97
C SER A 71 -19.52 9.17 -12.13
N MET A 72 -18.47 8.56 -12.69
CA MET A 72 -17.22 8.30 -11.96
C MET A 72 -16.53 9.63 -11.65
N ALA A 73 -16.53 10.57 -12.59
CA ALA A 73 -15.83 11.85 -12.45
C ALA A 73 -16.53 12.70 -11.38
N SER A 74 -17.85 12.78 -11.34
CA SER A 74 -18.45 13.67 -10.32
C SER A 74 -18.34 12.99 -8.95
N HIS A 75 -18.16 11.67 -8.92
CA HIS A 75 -17.87 10.91 -7.67
C HIS A 75 -16.46 11.29 -7.18
N VAL A 76 -15.46 11.16 -8.03
CA VAL A 76 -14.05 11.52 -7.68
C VAL A 76 -14.02 12.99 -7.23
N ILE A 77 -14.56 13.91 -8.04
CA ILE A 77 -14.53 15.37 -7.75
C ILE A 77 -15.25 15.60 -6.43
N GLY A 78 -16.43 14.98 -6.26
CA GLY A 78 -17.29 15.22 -5.11
C GLY A 78 -16.62 14.71 -3.86
N THR A 79 -15.85 13.63 -3.97
CA THR A 79 -15.18 12.98 -2.81
C THR A 79 -14.08 13.91 -2.28
N LEU A 80 -13.27 14.45 -3.21
CA LEU A 80 -12.16 15.35 -2.90
C LEU A 80 -12.75 16.63 -2.34
N ARG A 81 -13.81 17.15 -2.96
CA ARG A 81 -14.47 18.41 -2.51
C ARG A 81 -14.93 18.30 -1.05
N ALA A 82 -15.42 17.15 -0.61
CA ALA A 82 -15.89 16.97 0.77
C ALA A 82 -14.74 16.68 1.75
N SER A 83 -13.51 16.40 1.28
CA SER A 83 -12.36 15.98 2.12
C SER A 83 -11.82 17.18 2.89
N PRO A 84 -11.82 17.15 4.25
CA PRO A 84 -11.17 18.19 5.02
C PRO A 84 -9.67 18.36 4.72
N ARG A 85 -9.05 17.47 3.93
CA ARG A 85 -7.58 17.39 3.64
C ARG A 85 -7.20 18.09 2.34
N ILE A 86 -8.18 18.39 1.49
CA ILE A 86 -8.02 19.02 0.14
C ILE A 86 -8.33 20.50 0.28
N ALA A 87 -7.30 21.34 0.18
CA ALA A 87 -7.44 22.81 0.33
C ALA A 87 -7.96 23.37 -0.99
N SER A 88 -7.69 22.77 -2.14
CA SER A 88 -8.02 23.35 -3.48
C SER A 88 -8.20 22.20 -4.46
N LEU A 89 -9.02 22.39 -5.48
CA LEU A 89 -9.44 21.31 -6.39
C LEU A 89 -9.47 21.88 -7.82
N LEU A 90 -8.57 21.39 -8.67
CA LEU A 90 -8.37 21.86 -10.06
C LEU A 90 -8.73 20.71 -10.99
N VAL A 91 -9.60 20.91 -11.96
CA VAL A 91 -9.82 19.93 -13.06
C VAL A 91 -9.12 20.45 -14.32
N VAL A 92 -8.30 19.61 -14.99
CA VAL A 92 -7.65 19.92 -16.31
C VAL A 92 -8.44 19.22 -17.41
N THR A 93 -8.97 19.97 -18.37
CA THR A 93 -9.84 19.44 -19.45
C THR A 93 -9.77 20.36 -20.66
N PRO A 94 -9.93 19.81 -21.89
CA PRO A 94 -10.16 20.62 -23.08
C PRO A 94 -11.63 20.93 -23.40
N SER A 95 -12.60 20.31 -22.69
CA SER A 95 -14.04 20.24 -23.05
C SER A 95 -14.89 21.18 -22.18
N GLU A 96 -15.61 22.14 -22.79
CA GLU A 96 -16.66 22.99 -22.18
C GLU A 96 -17.69 22.11 -21.43
N SER A 97 -18.03 20.94 -21.98
CA SER A 97 -19.01 19.98 -21.41
C SER A 97 -18.48 19.46 -20.08
N THR A 98 -17.25 18.98 -20.10
CA THR A 98 -16.52 18.49 -18.90
C THR A 98 -16.37 19.64 -17.90
N ALA A 99 -16.05 20.83 -18.38
CA ALA A 99 -15.69 21.96 -17.50
C ALA A 99 -16.94 22.40 -16.74
N GLU A 100 -18.10 22.44 -17.40
CA GLU A 100 -19.37 22.85 -16.74
C GLU A 100 -19.79 21.85 -15.67
N MET A 101 -19.69 20.55 -15.94
CA MET A 101 -19.99 19.48 -14.97
C MET A 101 -19.08 19.66 -13.73
N ALA A 102 -17.78 19.86 -13.96
CA ALA A 102 -16.72 20.00 -12.94
C ALA A 102 -16.97 21.24 -12.06
N ARG A 103 -17.19 22.43 -12.64
CA ARG A 103 -17.52 23.67 -11.88
C ARG A 103 -18.72 23.38 -11.00
N ALA A 104 -19.78 22.80 -11.56
CA ALA A 104 -21.03 22.51 -10.83
C ALA A 104 -20.71 21.65 -9.59
N ALA A 105 -19.78 20.67 -9.69
CA ALA A 105 -19.30 19.80 -8.58
C ALA A 105 -18.26 20.50 -7.70
N GLY A 106 -17.89 21.75 -8.01
CA GLY A 106 -17.06 22.64 -7.16
C GLY A 106 -15.58 22.70 -7.53
N ALA A 107 -15.14 22.28 -8.74
CA ALA A 107 -13.71 22.31 -9.14
C ALA A 107 -13.42 23.67 -9.77
N GLU A 108 -12.21 24.19 -9.65
CA GLU A 108 -11.68 25.27 -10.53
C GLU A 108 -11.18 24.59 -11.80
N ILE A 109 -11.00 25.32 -12.89
CA ILE A 109 -10.75 24.74 -14.24
C ILE A 109 -9.44 25.29 -14.83
N LEU A 110 -8.60 24.40 -15.34
CA LEU A 110 -7.42 24.71 -16.17
C LEU A 110 -7.66 24.12 -17.56
N TRP A 111 -7.51 24.92 -18.62
CA TRP A 111 -7.58 24.41 -20.01
C TRP A 111 -6.37 23.51 -20.28
N GLY A 112 -6.58 22.44 -21.02
CA GLY A 112 -5.50 21.66 -21.64
C GLY A 112 -5.92 21.28 -23.05
N PRO A 113 -4.95 21.05 -23.97
CA PRO A 113 -5.30 20.61 -25.32
C PRO A 113 -5.85 19.18 -25.23
N PRO A 114 -6.64 18.74 -26.23
CA PRO A 114 -7.10 17.36 -26.28
C PRO A 114 -6.00 16.34 -26.61
N ASP A 115 -6.10 15.12 -26.05
CA ASP A 115 -5.29 13.93 -26.43
C ASP A 115 -3.80 14.13 -26.13
N GLU A 116 -3.44 14.89 -25.10
CA GLU A 116 -2.02 14.97 -24.66
C GLU A 116 -1.70 13.86 -23.65
N GLY A 117 -2.73 13.18 -23.11
CA GLY A 117 -2.57 12.12 -22.09
C GLY A 117 -2.52 12.63 -20.65
N MET A 118 -2.73 11.73 -19.69
CA MET A 118 -2.82 12.11 -18.27
C MET A 118 -1.51 12.77 -17.82
N ALA A 119 -0.35 12.26 -18.23
CA ALA A 119 0.99 12.71 -17.77
C ALA A 119 1.18 14.21 -18.05
N ASN A 120 0.99 14.65 -19.28
CA ASN A 120 1.13 16.06 -19.70
C ASN A 120 -0.01 16.92 -19.13
N ALA A 121 -1.24 16.42 -19.04
CA ALA A 121 -2.29 17.23 -18.38
C ALA A 121 -1.88 17.44 -16.91
N CYS A 122 -1.45 16.41 -16.20
CA CYS A 122 -1.06 16.60 -14.79
C CYS A 122 0.15 17.53 -14.71
N SER A 123 1.11 17.44 -15.64
CA SER A 123 2.38 18.24 -15.63
C SER A 123 2.07 19.73 -15.80
N ARG A 124 1.25 20.09 -16.80
CA ARG A 124 0.63 21.42 -16.99
C ARG A 124 0.10 21.97 -15.65
N ALA A 125 -0.72 21.21 -14.94
CA ALA A 125 -1.33 21.66 -13.68
C ALA A 125 -0.25 21.84 -12.62
N MET A 126 0.67 20.88 -12.53
CA MET A 126 1.75 20.93 -11.51
C MET A 126 2.53 22.22 -11.67
N ALA A 127 2.88 22.62 -12.88
CA ALA A 127 3.67 23.85 -13.14
C ALA A 127 2.84 25.08 -12.76
N HIS A 128 1.55 25.11 -13.09
CA HIS A 128 0.65 26.24 -12.72
C HIS A 128 0.61 26.34 -11.19
N ILE A 129 0.36 25.24 -10.52
CA ILE A 129 0.30 25.21 -9.04
C ILE A 129 1.66 25.63 -8.45
N ALA A 130 2.79 25.10 -8.95
CA ALA A 130 4.14 25.48 -8.49
C ALA A 130 4.37 26.99 -8.68
N ALA A 131 4.08 27.55 -9.86
CA ALA A 131 4.23 29.00 -10.12
C ALA A 131 3.48 29.80 -9.04
N ALA A 132 2.36 29.26 -8.56
CA ALA A 132 1.33 29.93 -7.73
C ALA A 132 1.50 29.60 -6.26
N GLY A 133 2.64 28.99 -5.88
CA GLY A 133 3.04 28.85 -4.48
C GLY A 133 2.60 27.53 -3.87
N GLY A 134 1.94 26.67 -4.63
CA GLY A 134 1.38 25.42 -4.10
C GLY A 134 2.40 24.63 -3.31
N GLU A 135 1.98 24.11 -2.16
CA GLU A 135 2.88 23.39 -1.23
C GLU A 135 2.96 21.94 -1.71
N ARG A 136 1.80 21.32 -1.87
CA ARG A 136 1.68 19.88 -2.24
C ARG A 136 0.63 19.73 -3.32
N VAL A 137 0.76 18.70 -4.13
CA VAL A 137 -0.29 18.37 -5.11
C VAL A 137 -0.53 16.86 -5.16
N MET A 138 -1.81 16.48 -5.14
CA MET A 138 -2.37 15.13 -5.29
C MET A 138 -3.09 15.01 -6.64
N PHE A 139 -2.55 14.15 -7.52
CA PHE A 139 -3.08 13.80 -8.84
C PHE A 139 -4.06 12.65 -8.66
N VAL A 140 -5.33 12.83 -9.07
CA VAL A 140 -6.37 11.75 -8.95
C VAL A 140 -7.12 11.65 -10.26
N PRO A 141 -7.04 10.52 -10.98
CA PRO A 141 -7.81 10.33 -12.21
C PRO A 141 -9.31 10.25 -11.90
N GLY A 142 -10.18 10.52 -12.88
CA GLY A 142 -11.65 10.62 -12.68
C GLY A 142 -12.40 9.28 -12.77
N ASP A 143 -11.69 8.13 -12.73
CA ASP A 143 -12.27 6.78 -12.99
C ASP A 143 -12.13 5.84 -11.78
N LEU A 144 -12.29 6.37 -10.57
CA LEU A 144 -12.09 5.60 -9.32
C LEU A 144 -13.45 5.52 -8.63
N PRO A 145 -14.38 4.64 -9.07
CA PRO A 145 -15.78 4.71 -8.63
C PRO A 145 -15.98 4.38 -7.14
N LEU A 146 -14.97 3.83 -6.45
CA LEU A 146 -15.07 3.39 -5.03
C LEU A 146 -14.31 4.36 -4.10
N LEU A 147 -13.66 5.39 -4.64
CA LEU A 147 -12.80 6.30 -3.85
C LEU A 147 -13.61 6.84 -2.66
N ASP A 148 -12.99 6.96 -1.48
CA ASP A 148 -13.65 7.49 -0.24
C ASP A 148 -12.70 8.45 0.52
N GLU A 149 -13.24 9.11 1.55
CA GLU A 149 -12.53 10.08 2.43
C GLU A 149 -11.35 9.36 3.07
N ALA A 150 -11.55 8.11 3.51
CA ALA A 150 -10.51 7.26 4.14
C ALA A 150 -9.30 7.12 3.22
N ALA A 151 -9.54 6.95 1.94
CA ALA A 151 -8.51 6.77 0.90
C ALA A 151 -7.72 8.08 0.76
N ILE A 152 -8.40 9.21 0.60
CA ILE A 152 -7.78 10.57 0.49
C ILE A 152 -6.92 10.83 1.73
N ASP A 153 -7.48 10.56 2.89
CA ASP A 153 -6.79 10.83 4.17
C ASP A 153 -5.50 10.04 4.18
N MET A 154 -5.52 8.74 3.87
CA MET A 154 -4.31 7.88 3.97
C MET A 154 -3.22 8.39 3.01
N LEU A 155 -3.52 8.71 1.76
CA LEU A 155 -2.48 9.18 0.80
C LEU A 155 -1.91 10.52 1.27
N SER A 156 -2.76 11.40 1.82
CA SER A 156 -2.38 12.75 2.31
C SER A 156 -1.50 12.65 3.55
N ARG A 157 -1.39 11.48 4.17
CA ARG A 157 -0.52 11.23 5.36
C ARG A 157 0.92 10.85 4.95
N ALA A 158 1.25 10.72 3.67
CA ALA A 158 2.67 10.71 3.25
C ALA A 158 3.32 12.00 3.79
N PRO A 159 4.56 11.90 4.29
CA PRO A 159 5.31 13.09 4.67
C PRO A 159 5.42 14.03 3.46
N VAL A 160 5.51 15.34 3.71
CA VAL A 160 5.64 16.40 2.66
C VAL A 160 6.82 16.11 1.71
N ASP A 161 7.91 15.54 2.21
CA ASP A 161 9.18 15.40 1.48
C ASP A 161 9.24 14.04 0.75
N ALA A 162 8.16 13.26 0.77
CA ALA A 162 8.09 11.97 0.06
C ALA A 162 7.17 12.05 -1.16
N ILE A 163 7.29 11.03 -2.01
CA ILE A 163 6.27 10.70 -3.05
C ILE A 163 5.33 9.69 -2.40
N GLY A 164 4.08 10.10 -2.18
CA GLY A 164 2.94 9.19 -1.96
C GLY A 164 2.40 8.70 -3.29
N MET A 165 2.03 7.42 -3.36
CA MET A 165 1.85 6.67 -4.62
C MET A 165 0.88 5.54 -4.26
N ALA A 166 -0.23 5.41 -5.00
CA ALA A 166 -1.31 4.41 -4.83
C ALA A 166 -1.41 3.64 -6.13
N PRO A 167 -1.04 2.34 -6.15
CA PRO A 167 -1.08 1.58 -7.39
C PRO A 167 -2.50 1.13 -7.77
N ASN A 168 -2.64 0.62 -8.99
CA ASN A 168 -3.90 0.03 -9.50
C ASN A 168 -3.95 -1.44 -9.06
N ARG A 169 -4.98 -2.19 -9.44
CA ARG A 169 -5.16 -3.64 -9.08
C ARG A 169 -4.04 -4.54 -9.61
N ASP A 170 -3.59 -4.41 -10.87
CA ASP A 170 -2.54 -5.29 -11.44
C ASP A 170 -1.15 -4.85 -10.91
N GLY A 171 -1.05 -3.67 -10.29
CA GLY A 171 0.16 -3.21 -9.61
C GLY A 171 1.20 -2.65 -10.56
N HIS A 172 0.85 -2.35 -11.82
CA HIS A 172 1.77 -1.77 -12.83
C HIS A 172 1.47 -0.29 -13.00
N GLY A 173 0.29 0.17 -12.58
CA GLY A 173 -0.16 1.53 -12.84
C GLY A 173 -0.21 2.35 -11.58
N THR A 174 -0.56 3.63 -11.74
CA THR A 174 -0.61 4.65 -10.65
C THR A 174 -2.00 5.30 -10.62
N ASN A 175 -2.80 5.06 -9.57
CA ASN A 175 -4.17 5.65 -9.40
C ASN A 175 -4.19 6.85 -8.46
N GLY A 176 -3.04 7.23 -7.89
CA GLY A 176 -2.88 8.48 -7.10
C GLY A 176 -1.41 8.77 -6.82
N LEU A 177 -0.99 10.02 -6.86
CA LEU A 177 0.38 10.41 -6.46
C LEU A 177 0.29 11.77 -5.78
N ILE A 178 0.95 11.95 -4.64
CA ILE A 178 1.04 13.27 -3.94
C ILE A 178 2.52 13.60 -3.73
N CYS A 179 2.94 14.81 -4.10
CA CYS A 179 4.34 15.31 -3.93
C CYS A 179 4.41 16.84 -3.91
N ARG A 180 5.60 17.34 -3.61
CA ARG A 180 5.86 18.78 -3.75
C ARG A 180 5.88 19.04 -5.25
N PRO A 181 5.23 20.12 -5.75
CA PRO A 181 5.34 20.45 -7.16
C PRO A 181 6.83 20.40 -7.52
N GLY A 182 7.18 19.55 -8.48
CA GLY A 182 8.49 19.58 -9.16
C GLY A 182 9.53 18.62 -8.59
N ALA A 183 9.14 17.68 -7.71
CA ALA A 183 10.03 16.70 -7.05
C ALA A 183 10.54 15.65 -8.04
N ILE A 184 9.61 15.11 -8.83
CA ILE A 184 9.90 14.18 -9.96
C ILE A 184 9.09 14.66 -11.15
N PRO A 185 9.46 14.26 -12.38
CA PRO A 185 8.55 14.40 -13.52
C PRO A 185 7.50 13.29 -13.44
N LEU A 186 6.45 13.38 -14.26
CA LEU A 186 5.29 12.49 -14.15
C LEU A 186 5.29 11.54 -15.34
N PHE A 187 4.75 10.31 -15.15
CA PHE A 187 4.84 9.19 -16.12
C PHE A 187 3.53 8.38 -16.19
N PHE A 188 2.39 9.05 -16.02
CA PHE A 188 1.08 8.39 -15.90
C PHE A 188 0.77 7.70 -17.22
N SER A 189 -0.07 6.65 -17.16
CA SER A 189 -0.39 5.67 -18.25
C SER A 189 0.79 4.72 -18.48
N GLY A 190 0.52 3.55 -19.03
CA GLY A 190 1.55 2.51 -19.24
C GLY A 190 2.17 2.11 -17.91
N PRO A 191 3.43 1.64 -17.90
CA PRO A 191 4.01 1.06 -16.70
C PRO A 191 4.41 2.22 -15.78
N SER A 192 3.43 2.95 -15.26
CA SER A 192 3.64 4.25 -14.61
C SER A 192 4.23 4.06 -13.20
N PHE A 193 3.83 2.98 -12.54
CA PHE A 193 4.22 2.72 -11.13
C PHE A 193 5.73 2.56 -11.10
N SER A 194 6.21 1.77 -12.04
CA SER A 194 7.65 1.53 -12.26
C SER A 194 8.41 2.84 -12.49
N ALA A 195 7.86 3.67 -13.37
CA ALA A 195 8.44 4.94 -13.83
C ALA A 195 8.55 5.88 -12.62
N HIS A 196 7.46 6.02 -11.88
CA HIS A 196 7.41 6.85 -10.66
C HIS A 196 8.44 6.35 -9.64
N GLN A 197 8.45 5.04 -9.37
CA GLN A 197 9.35 4.47 -8.35
C GLN A 197 10.80 4.78 -8.78
N ASN A 198 11.10 4.64 -10.06
CA ASN A 198 12.48 4.83 -10.59
C ASN A 198 12.87 6.31 -10.51
N ALA A 199 11.93 7.23 -10.80
CA ALA A 199 12.11 8.70 -10.65
C ALA A 199 12.46 9.04 -9.20
N ALA A 200 11.76 8.45 -8.24
CA ALA A 200 11.99 8.69 -6.80
C ALA A 200 13.37 8.14 -6.40
N ARG A 201 13.72 6.94 -6.85
CA ARG A 201 15.05 6.30 -6.57
C ARG A 201 16.18 7.23 -7.07
N ARG A 202 16.18 7.59 -8.36
CA ARG A 202 17.17 8.49 -9.01
C ARG A 202 17.35 9.77 -8.17
N ALA A 203 16.27 10.38 -7.71
CA ALA A 203 16.27 11.63 -6.92
C ALA A 203 16.53 11.36 -5.42
N GLY A 204 16.70 10.10 -5.00
CA GLY A 204 16.86 9.75 -3.58
C GLY A 204 15.74 10.31 -2.73
N ILE A 205 14.49 10.17 -3.17
CA ILE A 205 13.30 10.64 -2.42
C ILE A 205 12.58 9.41 -1.89
N ASP A 206 12.24 9.45 -0.60
CA ASP A 206 11.43 8.41 0.08
C ASP A 206 10.10 8.21 -0.66
N VAL A 207 9.56 7.00 -0.58
CA VAL A 207 8.26 6.58 -1.19
C VAL A 207 7.35 5.97 -0.11
N TRP A 208 6.10 6.41 -0.11
CA TRP A 208 5.00 5.85 0.71
C TRP A 208 3.92 5.29 -0.22
N VAL A 209 3.91 3.96 -0.33
CA VAL A 209 2.89 3.21 -1.14
C VAL A 209 1.62 3.00 -0.32
N VAL A 210 0.50 3.37 -0.91
CA VAL A 210 -0.84 3.14 -0.28
C VAL A 210 -1.63 2.22 -1.21
N ARG A 211 -1.93 1.01 -0.72
CA ARG A 211 -2.66 -0.05 -1.44
C ARG A 211 -3.99 -0.29 -0.72
N SER A 212 -5.08 -0.14 -1.45
CA SER A 212 -6.45 -0.41 -0.95
C SER A 212 -7.42 -0.64 -2.12
N ARG A 213 -8.47 -1.41 -1.83
CA ARG A 213 -9.64 -1.64 -2.70
C ARG A 213 -10.01 -0.32 -3.39
N GLU A 214 -10.13 0.77 -2.64
CA GLU A 214 -10.73 2.05 -3.09
C GLU A 214 -9.80 2.83 -4.03
N TRP A 215 -8.48 2.70 -3.85
CA TRP A 215 -7.47 3.32 -4.73
C TRP A 215 -7.27 2.49 -5.98
N ALA A 216 -7.26 1.19 -5.83
CA ALA A 216 -6.69 0.25 -6.82
C ALA A 216 -7.57 0.13 -8.07
N LEU A 217 -8.90 0.11 -7.91
CA LEU A 217 -9.89 -0.08 -9.00
C LEU A 217 -10.17 1.24 -9.72
N ASP A 218 -9.46 1.46 -10.82
CA ASP A 218 -9.84 2.42 -11.89
C ASP A 218 -10.53 1.61 -12.99
N VAL A 219 -11.56 2.15 -13.63
CA VAL A 219 -12.29 1.43 -14.70
C VAL A 219 -11.74 1.88 -16.06
N ASP A 220 -10.93 1.04 -16.69
CA ASP A 220 -10.39 1.23 -18.05
C ASP A 220 -10.97 0.14 -18.97
N LEU A 221 -10.92 -1.12 -18.54
CA LEU A 221 -11.15 -2.29 -19.45
C LEU A 221 -12.45 -2.96 -19.06
N PRO A 222 -13.00 -3.83 -19.92
CA PRO A 222 -14.19 -4.61 -19.56
C PRO A 222 -14.05 -5.33 -18.21
N ALA A 223 -12.91 -5.98 -17.95
CA ALA A 223 -12.68 -6.77 -16.70
C ALA A 223 -12.86 -5.82 -15.52
N ASP A 224 -12.40 -4.58 -15.66
CA ASP A 224 -12.45 -3.52 -14.63
C ASP A 224 -13.90 -3.14 -14.32
N LEU A 225 -14.70 -2.94 -15.36
CA LEU A 225 -16.14 -2.60 -15.22
C LEU A 225 -16.87 -3.73 -14.46
N GLU A 226 -16.56 -4.98 -14.75
CA GLU A 226 -17.21 -6.17 -14.16
C GLU A 226 -16.85 -6.25 -12.67
N GLU A 227 -15.56 -6.03 -12.34
CA GLU A 227 -15.06 -5.94 -10.94
C GLU A 227 -15.84 -4.83 -10.20
N PHE A 228 -16.02 -3.65 -10.82
CA PHE A 228 -16.86 -2.56 -10.27
C PHE A 228 -18.29 -3.04 -10.00
N GLU A 229 -18.94 -3.57 -11.03
CA GLU A 229 -20.33 -4.13 -10.98
C GLU A 229 -20.42 -5.13 -9.81
N SER A 230 -19.38 -5.95 -9.68
CA SER A 230 -19.33 -7.08 -8.70
C SER A 230 -19.18 -6.56 -7.25
N SER A 231 -18.49 -5.46 -7.00
CA SER A 231 -18.34 -4.88 -5.64
C SER A 231 -19.60 -4.11 -5.24
N VAL A 232 -20.39 -3.68 -6.24
CA VAL A 232 -21.66 -2.93 -6.08
C VAL A 232 -22.77 -3.91 -5.70
N ARG A 233 -22.70 -5.17 -6.15
CA ARG A 233 -23.60 -6.29 -5.75
C ARG A 233 -23.23 -6.78 -4.34
N ASP A 234 -21.94 -7.02 -4.06
CA ASP A 234 -21.44 -7.27 -2.68
C ASP A 234 -22.03 -6.26 -1.69
N ALA A 235 -22.02 -4.96 -2.03
CA ALA A 235 -22.47 -3.82 -1.20
C ALA A 235 -24.01 -3.81 -1.01
N LYS A 236 -24.81 -4.10 -2.04
CA LYS A 236 -26.25 -4.37 -1.82
C LYS A 236 -26.38 -5.40 -0.68
N ARG A 237 -25.68 -6.55 -0.76
CA ARG A 237 -25.83 -7.71 0.18
C ARG A 237 -25.31 -7.38 1.59
N ARG A 238 -24.06 -6.94 1.73
CA ARG A 238 -23.40 -6.57 3.03
C ARG A 238 -24.22 -5.53 3.80
N VAL A 239 -24.46 -4.36 3.17
CA VAL A 239 -24.99 -3.11 3.82
C VAL A 239 -26.52 -3.24 3.91
N LEU A 240 -27.21 -3.69 2.85
CA LEU A 240 -28.70 -3.72 2.74
C LEU A 240 -29.18 -5.17 2.94
N CYS A 241 -29.68 -5.83 1.88
CA CYS A 241 -29.76 -7.32 1.77
C CYS A 241 -30.21 -7.73 0.36
N GLY B 39 18.15 -11.94 -4.38
CA GLY B 39 18.07 -13.06 -3.42
C GLY B 39 17.55 -12.55 -2.10
N ILE B 40 16.22 -12.64 -1.90
CA ILE B 40 15.59 -12.14 -0.66
C ILE B 40 15.37 -13.35 0.25
N TRP B 41 16.04 -13.31 1.40
CA TRP B 41 15.83 -14.23 2.53
C TRP B 41 14.70 -13.66 3.38
N ALA B 42 13.69 -14.45 3.68
CA ALA B 42 12.65 -14.05 4.64
C ALA B 42 12.91 -14.76 5.97
N VAL B 43 12.55 -14.10 7.06
CA VAL B 43 12.84 -14.49 8.46
C VAL B 43 11.51 -14.34 9.17
N VAL B 44 11.00 -15.41 9.79
CA VAL B 44 9.77 -15.35 10.62
C VAL B 44 10.17 -15.76 12.05
N PRO B 45 10.20 -14.81 13.00
CA PRO B 45 10.49 -15.17 14.40
C PRO B 45 9.19 -15.65 15.03
N LEU B 46 9.26 -16.80 15.73
CA LEU B 46 8.13 -17.48 16.43
C LEU B 46 8.51 -17.94 17.85
N LYS B 47 7.71 -17.50 18.83
CA LYS B 47 7.83 -17.95 20.24
C LYS B 47 7.47 -19.44 20.32
N ALA B 48 7.51 -19.99 21.54
CA ALA B 48 6.86 -21.26 21.88
C ALA B 48 5.36 -21.02 21.98
N PRO B 49 4.53 -21.98 21.55
CA PRO B 49 3.10 -21.73 21.46
C PRO B 49 2.50 -21.51 22.85
N GLU B 50 3.08 -22.10 23.90
CA GLU B 50 2.47 -22.13 25.25
C GLU B 50 2.47 -20.72 25.83
N CYS B 51 3.48 -19.90 25.53
CA CYS B 51 3.60 -18.53 26.08
CA CYS B 51 3.65 -18.53 26.05
C CYS B 51 3.31 -17.52 24.95
N ALA B 52 2.68 -18.00 23.87
CA ALA B 52 2.33 -17.18 22.67
C ALA B 52 1.06 -16.34 22.86
N LYS B 53 1.11 -15.09 22.38
CA LYS B 53 -0.02 -14.14 22.31
C LYS B 53 -0.66 -13.97 23.69
N THR B 54 0.15 -13.61 24.73
CA THR B 54 -0.32 -13.51 26.14
C THR B 54 -1.42 -12.44 26.21
N ARG B 55 -1.41 -11.46 25.29
CA ARG B 55 -2.35 -10.32 25.29
C ARG B 55 -3.76 -10.73 24.81
N LEU B 56 -3.98 -12.00 24.47
CA LEU B 56 -5.32 -12.53 24.12
C LEU B 56 -5.88 -13.46 25.21
N ALA B 57 -5.19 -13.66 26.35
CA ALA B 57 -5.61 -14.66 27.38
C ALA B 57 -6.92 -14.22 28.06
N GLY B 58 -7.17 -12.92 28.09
CA GLY B 58 -8.44 -12.33 28.55
C GLY B 58 -9.61 -12.62 27.62
N VAL B 59 -9.40 -13.04 26.36
CA VAL B 59 -10.54 -13.29 25.42
C VAL B 59 -10.53 -14.72 24.85
N LEU B 60 -9.37 -15.37 24.78
CA LEU B 60 -9.28 -16.75 24.24
C LEU B 60 -8.70 -17.66 25.33
N SER B 61 -9.26 -18.88 25.45
CA SER B 61 -8.74 -20.02 26.25
C SER B 61 -7.30 -20.33 25.81
N HIS B 62 -6.58 -21.23 26.50
CA HIS B 62 -5.20 -21.64 26.15
C HIS B 62 -5.26 -22.35 24.81
N ALA B 63 -6.10 -23.38 24.69
CA ALA B 63 -6.22 -24.18 23.45
C ALA B 63 -6.53 -23.25 22.27
N ALA B 64 -7.37 -22.24 22.44
CA ALA B 64 -7.84 -21.39 21.32
C ALA B 64 -6.70 -20.48 20.86
N ARG B 65 -5.97 -19.90 21.82
CA ARG B 65 -4.81 -19.00 21.57
C ARG B 65 -3.74 -19.74 20.79
N GLN B 66 -3.43 -20.93 21.23
CA GLN B 66 -2.35 -21.76 20.67
C GLN B 66 -2.72 -22.21 19.24
N ALA B 67 -3.99 -22.54 19.00
CA ALA B 67 -4.56 -22.87 17.67
C ALA B 67 -4.40 -21.67 16.74
N LEU B 68 -4.70 -20.47 17.22
CA LEU B 68 -4.64 -19.21 16.42
C LEU B 68 -3.17 -18.84 16.17
N PHE B 69 -2.25 -19.19 17.07
CA PHE B 69 -0.80 -18.89 16.93
C PHE B 69 -0.26 -19.64 15.71
N PHE B 70 -0.48 -20.96 15.68
CA PHE B 70 -0.06 -21.88 14.60
C PHE B 70 -0.80 -21.55 13.32
N SER B 71 -2.08 -21.28 13.43
CA SER B 71 -2.96 -20.90 12.30
C SER B 71 -2.36 -19.71 11.54
N MET B 72 -2.06 -18.59 12.23
CA MET B 72 -1.50 -17.35 11.63
C MET B 72 -0.05 -17.59 11.17
N ALA B 73 0.78 -18.23 12.00
CA ALA B 73 2.16 -18.59 11.65
C ALA B 73 2.14 -19.45 10.37
N SER B 74 1.32 -20.49 10.24
CA SER B 74 1.43 -21.28 8.98
C SER B 74 0.93 -20.45 7.79
N HIS B 75 -0.02 -19.54 8.00
CA HIS B 75 -0.46 -18.61 6.92
C HIS B 75 0.73 -17.80 6.43
N VAL B 76 1.50 -17.23 7.35
CA VAL B 76 2.59 -16.28 7.02
C VAL B 76 3.67 -17.07 6.31
N ILE B 77 3.91 -18.28 6.76
CA ILE B 77 5.02 -19.09 6.21
C ILE B 77 4.61 -19.53 4.80
N GLY B 78 3.39 -20.04 4.63
CA GLY B 78 2.87 -20.44 3.31
C GLY B 78 2.97 -19.28 2.34
N THR B 79 2.63 -18.07 2.82
CA THR B 79 2.54 -16.85 1.97
C THR B 79 3.94 -16.52 1.40
N LEU B 80 4.95 -16.52 2.25
CA LEU B 80 6.37 -16.33 1.86
C LEU B 80 6.85 -17.46 0.92
N ARG B 81 6.62 -18.71 1.29
CA ARG B 81 6.96 -19.95 0.55
C ARG B 81 6.40 -19.88 -0.88
N ALA B 82 5.21 -19.30 -1.04
CA ALA B 82 4.48 -19.18 -2.31
C ALA B 82 5.03 -18.04 -3.17
N SER B 83 5.77 -17.09 -2.61
CA SER B 83 6.22 -15.87 -3.32
C SER B 83 7.47 -16.14 -4.14
N PRO B 84 7.44 -15.87 -5.47
CA PRO B 84 8.65 -15.97 -6.28
C PRO B 84 9.73 -14.93 -5.92
N ARG B 85 9.36 -13.92 -5.16
CA ARG B 85 10.24 -12.84 -4.67
C ARG B 85 11.10 -13.37 -3.53
N ILE B 86 10.90 -14.60 -3.08
CA ILE B 86 11.53 -15.13 -1.83
C ILE B 86 12.39 -16.36 -2.18
N ALA B 87 13.70 -16.20 -2.05
CA ALA B 87 14.71 -17.21 -2.38
C ALA B 87 14.76 -18.26 -1.27
N SER B 88 14.82 -17.84 0.00
CA SER B 88 15.08 -18.71 1.18
C SER B 88 14.15 -18.29 2.32
N LEU B 89 13.75 -19.26 3.15
CA LEU B 89 12.82 -19.04 4.28
C LEU B 89 13.38 -19.62 5.59
N LEU B 90 13.50 -18.80 6.61
CA LEU B 90 14.15 -19.15 7.90
C LEU B 90 13.24 -18.74 9.07
N VAL B 91 12.90 -19.72 9.92
CA VAL B 91 12.14 -19.45 11.17
C VAL B 91 13.11 -19.46 12.35
N VAL B 92 13.06 -18.44 13.20
CA VAL B 92 13.85 -18.40 14.47
C VAL B 92 12.89 -18.69 15.63
N THR B 93 13.15 -19.76 16.38
CA THR B 93 12.27 -20.25 17.46
C THR B 93 13.07 -20.95 18.54
N PRO B 94 12.64 -20.89 19.80
CA PRO B 94 13.23 -21.75 20.83
C PRO B 94 12.54 -23.11 21.00
N SER B 95 11.51 -23.41 20.18
CA SER B 95 10.51 -24.45 20.49
C SER B 95 10.46 -25.54 19.44
N GLU B 96 10.44 -26.79 19.90
CA GLU B 96 10.43 -27.99 19.03
C GLU B 96 9.05 -28.09 18.37
N SER B 97 7.94 -27.75 19.02
CA SER B 97 6.58 -27.85 18.41
C SER B 97 6.46 -26.79 17.33
N THR B 98 6.94 -25.58 17.60
CA THR B 98 6.97 -24.50 16.59
C THR B 98 7.81 -25.00 15.42
N ALA B 99 9.02 -25.48 15.70
CA ALA B 99 10.01 -25.93 14.69
C ALA B 99 9.42 -26.99 13.75
N GLU B 100 8.75 -28.00 14.32
CA GLU B 100 8.11 -29.10 13.57
C GLU B 100 7.11 -28.56 12.54
N MET B 101 6.20 -27.68 12.97
CA MET B 101 5.16 -27.03 12.13
C MET B 101 5.85 -26.24 11.01
N ALA B 102 6.84 -25.45 11.36
CA ALA B 102 7.65 -24.57 10.47
C ALA B 102 8.40 -25.40 9.40
N ARG B 103 9.11 -26.45 9.83
CA ARG B 103 9.85 -27.41 8.96
C ARG B 103 8.88 -28.01 7.95
N ALA B 104 7.67 -28.36 8.40
CA ALA B 104 6.65 -29.02 7.57
C ALA B 104 6.19 -28.04 6.48
N ALA B 105 6.16 -26.74 6.81
CA ALA B 105 5.70 -25.63 5.95
C ALA B 105 6.84 -25.05 5.10
N GLY B 106 8.00 -25.73 5.06
CA GLY B 106 9.09 -25.53 4.10
C GLY B 106 10.13 -24.54 4.60
N ALA B 107 10.07 -24.14 5.89
CA ALA B 107 11.05 -23.22 6.53
C ALA B 107 12.28 -24.00 7.01
N GLU B 108 13.45 -23.37 6.95
CA GLU B 108 14.67 -23.80 7.68
C GLU B 108 14.61 -23.13 9.08
N ILE B 109 15.20 -23.77 10.10
CA ILE B 109 15.08 -23.48 11.56
C ILE B 109 16.42 -22.94 12.05
N LEU B 110 16.41 -21.84 12.78
CA LEU B 110 17.55 -21.29 13.55
C LEU B 110 17.11 -21.33 15.01
N TRP B 111 17.82 -22.02 15.87
CA TRP B 111 17.42 -22.10 17.30
C TRP B 111 17.87 -20.86 18.07
N GLY B 112 16.95 -20.32 18.88
CA GLY B 112 17.17 -19.17 19.76
C GLY B 112 16.73 -19.45 21.20
N PRO B 113 17.17 -18.61 22.15
CA PRO B 113 16.66 -18.70 23.52
C PRO B 113 15.24 -18.16 23.57
N PRO B 114 14.44 -18.59 24.56
CA PRO B 114 13.08 -18.06 24.71
C PRO B 114 13.15 -16.64 25.27
N ASP B 115 12.09 -15.87 24.97
CA ASP B 115 11.76 -14.59 25.64
C ASP B 115 12.88 -13.57 25.42
N GLU B 116 13.63 -13.63 24.32
CA GLU B 116 14.65 -12.59 23.95
C GLU B 116 13.98 -11.47 23.15
N GLY B 117 12.75 -11.67 22.68
CA GLY B 117 11.98 -10.67 21.92
C GLY B 117 12.25 -10.72 20.41
N MET B 118 11.28 -10.22 19.66
CA MET B 118 11.37 -10.19 18.18
C MET B 118 12.66 -9.51 17.72
N ALA B 119 13.06 -8.39 18.32
CA ALA B 119 14.25 -7.63 17.81
C ALA B 119 15.51 -8.51 17.89
N ASN B 120 15.71 -9.17 19.02
CA ASN B 120 16.91 -9.97 19.30
C ASN B 120 16.93 -11.22 18.44
N ALA B 121 15.78 -11.85 18.24
CA ALA B 121 15.63 -13.08 17.45
C ALA B 121 15.88 -12.75 15.96
N CYS B 122 15.42 -11.59 15.51
CA CYS B 122 15.68 -11.09 14.13
C CYS B 122 17.16 -10.72 13.92
N SER B 123 17.80 -10.03 14.86
CA SER B 123 19.25 -9.71 14.76
C SER B 123 20.06 -11.00 14.60
N ARG B 124 19.65 -12.08 15.26
CA ARG B 124 20.38 -13.36 15.26
C ARG B 124 20.34 -13.92 13.84
N ALA B 125 19.17 -13.89 13.20
CA ALA B 125 18.96 -14.34 11.80
C ALA B 125 19.80 -13.50 10.82
N MET B 126 19.80 -12.19 11.02
CA MET B 126 20.54 -11.24 10.16
C MET B 126 22.04 -11.57 10.15
N ALA B 127 22.70 -11.81 11.30
CA ALA B 127 24.15 -12.17 11.38
C ALA B 127 24.45 -13.44 10.60
N HIS B 128 23.51 -14.38 10.65
CA HIS B 128 23.61 -15.75 10.08
C HIS B 128 23.49 -15.63 8.57
N ILE B 129 22.50 -14.88 8.10
CA ILE B 129 22.27 -14.56 6.65
C ILE B 129 23.45 -13.75 6.11
N ALA B 130 23.93 -12.77 6.86
CA ALA B 130 25.12 -11.97 6.49
C ALA B 130 26.33 -12.93 6.30
N ALA B 131 26.64 -13.76 7.29
CA ALA B 131 27.75 -14.73 7.22
C ALA B 131 27.53 -15.66 6.02
N ALA B 132 26.30 -16.02 5.65
CA ALA B 132 26.04 -16.96 4.54
C ALA B 132 26.14 -16.23 3.19
N GLY B 133 26.08 -14.91 3.19
CA GLY B 133 26.28 -14.06 1.99
C GLY B 133 24.98 -13.47 1.45
N GLY B 134 23.85 -13.62 2.13
CA GLY B 134 22.56 -13.09 1.66
C GLY B 134 22.63 -11.60 1.45
N GLU B 135 22.01 -11.07 0.40
CA GLU B 135 22.12 -9.63 0.00
C GLU B 135 20.97 -8.85 0.66
N ARG B 136 19.76 -9.40 0.71
CA ARG B 136 18.60 -8.72 1.35
C ARG B 136 17.90 -9.69 2.29
N VAL B 137 17.36 -9.17 3.38
CA VAL B 137 16.58 -9.97 4.37
C VAL B 137 15.26 -9.24 4.61
N MET B 138 14.15 -9.95 4.54
CA MET B 138 12.82 -9.40 4.87
C MET B 138 12.35 -10.01 6.21
N PHE B 139 12.13 -9.21 7.24
CA PHE B 139 11.61 -9.72 8.53
C PHE B 139 10.09 -9.66 8.49
N VAL B 140 9.40 -10.73 8.87
CA VAL B 140 7.92 -10.78 8.89
C VAL B 140 7.44 -11.53 10.13
N PRO B 141 6.72 -10.90 11.07
CA PRO B 141 6.22 -11.61 12.24
C PRO B 141 5.15 -12.62 11.83
N GLY B 142 4.86 -13.59 12.67
CA GLY B 142 3.99 -14.74 12.30
C GLY B 142 2.50 -14.47 12.51
N ASP B 143 2.10 -13.21 12.68
CA ASP B 143 0.73 -12.86 13.13
C ASP B 143 0.04 -11.93 12.14
N LEU B 144 0.20 -12.15 10.83
CA LEU B 144 -0.48 -11.33 9.78
C LEU B 144 -1.38 -12.24 8.95
N PRO B 145 -2.62 -12.52 9.44
CA PRO B 145 -3.52 -13.45 8.78
C PRO B 145 -4.05 -12.99 7.42
N LEU B 146 -3.89 -11.72 7.04
CA LEU B 146 -4.35 -11.23 5.70
C LEU B 146 -3.15 -10.95 4.77
N LEU B 147 -1.93 -11.28 5.15
CA LEU B 147 -0.76 -11.22 4.22
C LEU B 147 -1.11 -11.97 2.94
N ASP B 148 -0.70 -11.41 1.80
CA ASP B 148 -0.89 -11.97 0.44
C ASP B 148 0.38 -11.70 -0.38
N GLU B 149 0.50 -12.30 -1.57
CA GLU B 149 1.67 -12.17 -2.48
C GLU B 149 1.92 -10.68 -2.75
N ALA B 150 0.85 -9.91 -2.96
CA ALA B 150 0.86 -8.49 -3.34
C ALA B 150 1.52 -7.67 -2.23
N ALA B 151 1.28 -8.07 -0.98
CA ALA B 151 1.96 -7.48 0.20
C ALA B 151 3.47 -7.72 0.10
N ILE B 152 3.86 -8.95 -0.26
CA ILE B 152 5.28 -9.38 -0.24
C ILE B 152 6.00 -8.69 -1.38
N ASP B 153 5.38 -8.76 -2.55
CA ASP B 153 5.84 -8.14 -3.80
C ASP B 153 6.10 -6.66 -3.55
N MET B 154 5.12 -5.97 -2.98
CA MET B 154 5.18 -4.50 -2.78
C MET B 154 6.30 -4.08 -1.81
N LEU B 155 6.61 -4.87 -0.77
CA LEU B 155 7.73 -4.52 0.15
C LEU B 155 9.06 -4.84 -0.52
N SER B 156 9.07 -5.88 -1.33
CA SER B 156 10.23 -6.40 -2.07
C SER B 156 10.69 -5.33 -3.07
N ARG B 157 9.88 -4.32 -3.38
CA ARG B 157 10.14 -3.37 -4.48
C ARG B 157 10.94 -2.19 -3.97
N ALA B 158 11.11 -2.07 -2.65
CA ALA B 158 12.05 -1.13 -2.00
C ALA B 158 13.40 -1.20 -2.69
N PRO B 159 14.11 -0.07 -2.91
CA PRO B 159 15.47 -0.12 -3.46
C PRO B 159 16.37 -1.01 -2.59
N VAL B 160 17.40 -1.63 -3.14
CA VAL B 160 18.22 -2.60 -2.36
C VAL B 160 18.93 -1.85 -1.24
N ASP B 161 19.23 -0.57 -1.50
CA ASP B 161 20.03 0.34 -0.64
C ASP B 161 19.13 1.05 0.36
N ALA B 162 17.84 0.77 0.35
CA ALA B 162 16.85 1.48 1.19
C ALA B 162 16.36 0.53 2.27
N ILE B 163 15.71 1.08 3.27
CA ILE B 163 14.94 0.27 4.26
C ILE B 163 13.49 0.28 3.78
N GLY B 164 12.98 -0.89 3.44
CA GLY B 164 11.52 -1.09 3.27
C GLY B 164 10.87 -1.38 4.59
N MET B 165 9.62 -0.99 4.75
CA MET B 165 8.97 -0.90 6.08
C MET B 165 7.46 -0.92 5.85
N ALA B 166 6.70 -1.73 6.59
CA ALA B 166 5.23 -1.68 6.64
C ALA B 166 4.76 -1.42 8.08
N PRO B 167 4.12 -0.28 8.38
CA PRO B 167 3.56 -0.08 9.72
C PRO B 167 2.39 -1.03 10.03
N ASN B 168 2.13 -1.20 11.33
CA ASN B 168 0.88 -1.80 11.87
C ASN B 168 -0.26 -0.77 11.78
N ARG B 169 -1.49 -1.20 12.08
CA ARG B 169 -2.71 -0.39 11.97
C ARG B 169 -2.68 0.91 12.79
N ASP B 170 -2.32 0.85 14.08
CA ASP B 170 -2.32 2.04 14.98
C ASP B 170 -1.21 3.02 14.51
N GLY B 171 -0.27 2.54 13.69
CA GLY B 171 0.72 3.40 13.01
C GLY B 171 2.00 3.57 13.80
N HIS B 172 2.20 2.86 14.92
CA HIS B 172 3.30 3.10 15.90
C HIS B 172 4.27 1.90 15.83
N GLY B 173 3.87 0.83 15.15
CA GLY B 173 4.60 -0.43 15.06
C GLY B 173 5.00 -0.79 13.65
N THR B 174 5.71 -1.89 13.47
CA THR B 174 6.36 -2.30 12.22
C THR B 174 6.04 -3.77 11.99
N ASN B 175 5.36 -4.11 10.90
CA ASN B 175 4.87 -5.48 10.61
C ASN B 175 5.68 -6.08 9.46
N GLY B 176 6.57 -5.32 8.82
CA GLY B 176 7.52 -5.87 7.84
C GLY B 176 8.68 -4.94 7.62
N LEU B 177 9.86 -5.48 7.38
CA LEU B 177 11.06 -4.65 7.11
C LEU B 177 11.99 -5.44 6.18
N ILE B 178 12.63 -4.79 5.24
CA ILE B 178 13.62 -5.42 4.33
C ILE B 178 14.81 -4.46 4.21
N CYS B 179 16.03 -4.99 4.33
CA CYS B 179 17.27 -4.22 4.12
C CYS B 179 18.43 -5.15 3.80
N ARG B 180 19.53 -4.56 3.37
CA ARG B 180 20.85 -5.23 3.42
C ARG B 180 21.13 -5.56 4.89
N PRO B 181 21.59 -6.80 5.19
CA PRO B 181 22.09 -7.11 6.52
C PRO B 181 23.07 -6.05 7.04
N GLY B 182 22.85 -5.52 8.26
CA GLY B 182 23.74 -4.55 8.92
C GLY B 182 23.35 -3.10 8.69
N ALA B 183 22.40 -2.82 7.79
CA ALA B 183 22.15 -1.45 7.25
C ALA B 183 21.81 -0.52 8.41
N ILE B 184 20.87 -0.97 9.26
CA ILE B 184 20.44 -0.35 10.54
C ILE B 184 20.32 -1.45 11.58
N PRO B 185 20.36 -1.14 12.90
CA PRO B 185 20.00 -2.11 13.93
C PRO B 185 18.47 -2.24 13.89
N LEU B 186 17.92 -3.22 14.60
CA LEU B 186 16.48 -3.59 14.52
C LEU B 186 15.85 -3.26 15.86
N PHE B 187 14.62 -2.80 15.85
CA PHE B 187 13.95 -2.24 17.05
C PHE B 187 12.49 -2.71 17.08
N PHE B 188 12.20 -3.92 16.63
CA PHE B 188 10.83 -4.47 16.72
C PHE B 188 10.35 -4.39 18.18
N SER B 189 9.05 -4.21 18.38
CA SER B 189 8.31 -4.13 19.68
C SER B 189 8.23 -2.68 20.14
N GLY B 190 7.12 -2.33 20.78
CA GLY B 190 6.88 -0.96 21.23
C GLY B 190 6.84 -0.02 20.03
N PRO B 191 7.35 1.23 20.20
CA PRO B 191 7.27 2.27 19.17
C PRO B 191 8.35 2.12 18.07
N SER B 192 8.29 0.98 17.36
CA SER B 192 9.31 0.48 16.40
C SER B 192 9.24 1.28 15.10
N PHE B 193 8.07 1.78 14.71
CA PHE B 193 7.91 2.53 13.43
C PHE B 193 8.77 3.80 13.45
N SER B 194 8.68 4.62 14.50
CA SER B 194 9.55 5.79 14.80
C SER B 194 11.01 5.41 14.82
N ALA B 195 11.32 4.35 15.55
CA ALA B 195 12.68 3.86 15.76
C ALA B 195 13.32 3.56 14.39
N HIS B 196 12.63 2.78 13.57
CA HIS B 196 13.10 2.32 12.24
C HIS B 196 13.31 3.52 11.31
N GLN B 197 12.36 4.45 11.28
CA GLN B 197 12.38 5.64 10.40
C GLN B 197 13.56 6.52 10.76
N ASN B 198 13.87 6.63 12.05
CA ASN B 198 14.90 7.55 12.57
C ASN B 198 16.29 6.94 12.39
N ALA B 199 16.40 5.65 12.68
CA ALA B 199 17.64 4.88 12.46
C ALA B 199 18.05 5.06 10.99
N ALA B 200 17.06 4.96 10.11
CA ALA B 200 17.17 5.11 8.64
C ALA B 200 17.69 6.51 8.35
N ARG B 201 16.97 7.52 8.80
CA ARG B 201 17.21 8.94 8.49
C ARG B 201 18.62 9.31 8.96
N ARG B 202 19.02 8.84 10.14
CA ARG B 202 20.31 9.19 10.79
C ARG B 202 21.48 8.50 10.08
N ALA B 203 21.22 7.35 9.44
CA ALA B 203 22.21 6.58 8.66
C ALA B 203 22.33 7.15 7.23
N GLY B 204 21.53 8.17 6.90
CA GLY B 204 21.41 8.75 5.55
C GLY B 204 20.84 7.75 4.57
N ILE B 205 19.90 6.90 4.98
CA ILE B 205 19.37 5.83 4.09
C ILE B 205 17.91 6.13 3.78
N ASP B 206 17.50 5.93 2.52
CA ASP B 206 16.14 6.29 2.02
C ASP B 206 15.19 5.24 2.59
N VAL B 207 13.91 5.61 2.75
CA VAL B 207 12.86 4.64 3.14
C VAL B 207 11.80 4.48 2.04
N TRP B 208 11.29 3.26 1.94
CA TRP B 208 10.12 2.79 1.17
C TRP B 208 9.07 2.26 2.17
N VAL B 209 7.91 2.91 2.25
CA VAL B 209 6.89 2.59 3.28
C VAL B 209 5.67 2.01 2.58
N VAL B 210 5.20 0.86 3.05
CA VAL B 210 4.01 0.18 2.48
C VAL B 210 2.85 0.17 3.50
N ARG B 211 1.73 0.79 3.13
CA ARG B 211 0.47 0.89 3.91
C ARG B 211 -0.63 0.14 3.18
N SER B 212 -0.94 -1.05 3.66
CA SER B 212 -2.11 -1.88 3.26
C SER B 212 -2.69 -2.55 4.52
N ARG B 213 -3.96 -2.88 4.45
CA ARG B 213 -4.64 -3.65 5.53
C ARG B 213 -3.89 -4.99 5.74
N GLU B 214 -3.29 -5.50 4.69
CA GLU B 214 -2.69 -6.86 4.65
C GLU B 214 -1.39 -6.88 5.48
N TRP B 215 -0.60 -5.79 5.47
CA TRP B 215 0.58 -5.64 6.37
C TRP B 215 0.12 -5.17 7.74
N ALA B 216 -0.79 -4.20 7.78
CA ALA B 216 -1.14 -3.40 8.97
C ALA B 216 -1.78 -4.30 10.05
N LEU B 217 -2.67 -5.21 9.68
CA LEU B 217 -3.41 -6.01 10.68
C LEU B 217 -2.54 -7.16 11.17
N ASP B 218 -1.86 -6.98 12.30
CA ASP B 218 -1.25 -8.07 13.10
C ASP B 218 -2.14 -8.23 14.32
N VAL B 219 -2.34 -9.45 14.80
CA VAL B 219 -3.26 -9.73 15.95
C VAL B 219 -2.43 -9.88 17.23
N ASP B 220 -2.33 -8.80 18.03
CA ASP B 220 -1.81 -8.79 19.43
C ASP B 220 -2.98 -8.66 20.41
N LEU B 221 -3.87 -7.68 20.21
CA LEU B 221 -4.88 -7.31 21.24
C LEU B 221 -6.29 -7.72 20.83
N PRO B 222 -7.22 -7.86 21.79
CA PRO B 222 -8.62 -8.15 21.48
C PRO B 222 -9.25 -7.29 20.39
N ALA B 223 -8.78 -6.05 20.26
CA ALA B 223 -9.15 -5.11 19.18
C ALA B 223 -8.75 -5.69 17.81
N ASP B 224 -7.51 -6.16 17.71
CA ASP B 224 -6.99 -6.77 16.47
C ASP B 224 -7.80 -8.05 16.18
N LEU B 225 -8.19 -8.84 17.19
CA LEU B 225 -8.91 -10.13 17.02
C LEU B 225 -10.31 -9.86 16.46
N GLU B 226 -11.02 -8.93 17.08
CA GLU B 226 -12.29 -8.31 16.62
C GLU B 226 -12.17 -7.92 15.15
N GLU B 227 -11.21 -7.06 14.83
CA GLU B 227 -10.96 -6.55 13.45
C GLU B 227 -10.77 -7.75 12.50
N PHE B 228 -10.03 -8.78 12.92
CA PHE B 228 -9.70 -9.95 12.08
C PHE B 228 -10.95 -10.80 11.84
N GLU B 229 -11.76 -11.01 12.89
CA GLU B 229 -12.95 -11.90 12.80
C GLU B 229 -13.98 -11.22 11.89
N SER B 230 -14.17 -9.90 12.01
CA SER B 230 -15.21 -9.19 11.23
C SER B 230 -14.84 -9.23 9.75
N SER B 231 -13.55 -9.11 9.42
CA SER B 231 -13.04 -9.26 8.02
C SER B 231 -13.53 -10.55 7.36
N VAL B 232 -13.49 -11.69 8.07
CA VAL B 232 -13.92 -13.04 7.59
C VAL B 232 -15.37 -12.95 7.10
N ARG B 233 -16.32 -12.70 8.03
CA ARG B 233 -17.79 -12.56 7.73
C ARG B 233 -18.00 -11.78 6.40
#